data_4UVM
#
_entry.id   4UVM
#
_cell.length_a   86.830
_cell.length_b   86.830
_cell.length_c   219.820
_cell.angle_alpha   90.00
_cell.angle_beta   90.00
_cell.angle_gamma   90.00
#
_symmetry.space_group_name_H-M   'P 41 21 2'
#
loop_
_entity.id
_entity.type
_entity.pdbx_description
1 polymer 'GLUTATHIONE UPTAKE TRANSPORTER'
2 non-polymer (2S)-2,3-DIHYDROXYPROPYL(7Z)-PENTADEC-7-ENOATE
3 non-polymer (2R)-2,3-DIHYDROXYPROPYL(7Z)-PENTADEC-7-ENOATE
4 water water
#
_entity_poly.entity_id   1
_entity_poly.type   'polypeptide(L)'
_entity_poly.pdbx_seq_one_letter_code
;MNSPVDAPKWPRQIPYIIASEACERFSFYGMRNILTPFLMTALLLSIPEELRGAVAKDVFHSFVIGVYFFPLLGGWIADR
FFGKYNTILWLSLIYCVGHAFLAIFEHSVQGFYTGLFLIALGSGGIKPLVSSFMGDQFDQSNKSLAQKAFDMFYFTINFG
SFFASLSMPLLLKNFGAAVAFGIPGVLMFVATVFFWLGRKRYIHMPPEPKDPHGFLPVIRSALLTKVEGKGNIGLVLALI
GGVSAAYALVNIPTLGIVAGLCCAMVLVMGFVGAGASLQLERARKSHPDAAVDGVRSVLRILVLFALVTPFWSLFDQKAS
TWILQANDMVKPQWFEPAMMQALNPLLVMLLIPFNNFVLYPAIERMGVKLTALRKMGAGIAITGLSWIVVGTIQLMMDGG
SALSIFWQILPYALLTFGEVLVSATGLEFAYSQAPKAMKGTIMSFWTLSVTVGNLWVLLANVSVKSPTVTEQIVQTGMSV
TAFQMFFFAGFAILAAIVFALYARSYQMQDHYRQATGSENLYFQ
;
_entity_poly.pdbx_strand_id   A
#
loop_
_chem_comp.id
_chem_comp.type
_chem_comp.name
_chem_comp.formula
78M non-polymer (2S)-2,3-DIHYDROXYPROPYL(7Z)-PENTADEC-7-ENOATE 'C18 H34 O4'
78N non-polymer (2R)-2,3-DIHYDROXYPROPYL(7Z)-PENTADEC-7-ENOATE 'C18 H34 O4'
#
# COMPACT_ATOMS: atom_id res chain seq x y z
N PRO A 8 28.77 8.44 21.35
CA PRO A 8 27.79 7.42 20.96
C PRO A 8 28.38 6.39 20.00
N LYS A 9 28.05 5.12 20.18
CA LYS A 9 28.58 4.07 19.32
C LYS A 9 27.48 3.32 18.57
N TRP A 10 27.82 2.82 17.39
CA TRP A 10 26.86 2.01 16.63
C TRP A 10 26.64 0.67 17.30
N PRO A 11 25.38 0.34 17.57
CA PRO A 11 25.02 -1.00 18.03
C PRO A 11 25.43 -2.06 17.00
N ARG A 12 26.16 -3.07 17.44
CA ARG A 12 26.77 -4.06 16.54
C ARG A 12 25.75 -4.94 15.82
N GLN A 13 24.49 -4.88 16.26
CA GLN A 13 23.44 -5.69 15.65
C GLN A 13 22.87 -5.06 14.38
N ILE A 14 22.95 -3.74 14.29
CA ILE A 14 22.37 -3.00 13.16
C ILE A 14 22.83 -3.49 11.77
N PRO A 15 24.15 -3.75 11.58
CA PRO A 15 24.55 -4.24 10.25
C PRO A 15 23.85 -5.52 9.80
N TYR A 16 23.47 -6.38 10.73
CA TYR A 16 22.79 -7.62 10.39
C TYR A 16 21.34 -7.39 10.00
N ILE A 17 20.77 -6.25 10.40
CA ILE A 17 19.39 -5.94 10.07
C ILE A 17 19.32 -5.14 8.76
N ILE A 18 20.27 -4.24 8.57
CA ILE A 18 20.37 -3.48 7.32
C ILE A 18 20.66 -4.44 6.16
N ALA A 19 21.49 -5.44 6.41
CA ALA A 19 21.85 -6.42 5.39
C ALA A 19 20.65 -7.30 5.04
N SER A 20 19.92 -7.73 6.07
CA SER A 20 18.72 -8.54 5.88
C SER A 20 17.66 -7.78 5.08
N GLU A 21 17.53 -6.49 5.38
CA GLU A 21 16.56 -5.63 4.73
C GLU A 21 16.91 -5.42 3.26
N ALA A 22 18.20 -5.22 3.01
CA ALA A 22 18.72 -5.01 1.66
C ALA A 22 18.34 -6.16 0.73
N CYS A 23 18.60 -7.38 1.15
CA CYS A 23 18.30 -8.56 0.34
C CYS A 23 16.81 -8.78 0.19
N GLU A 24 16.06 -8.50 1.24
CA GLU A 24 14.62 -8.73 1.25
C GLU A 24 13.91 -7.75 0.33
N ARG A 25 14.44 -6.54 0.27
CA ARG A 25 13.84 -5.50 -0.56
C ARG A 25 14.21 -5.69 -2.04
N PHE A 26 15.35 -6.34 -2.28
CA PHE A 26 15.75 -6.65 -3.63
C PHE A 26 14.92 -7.81 -4.17
N SER A 27 14.65 -8.80 -3.32
CA SER A 27 13.90 -9.98 -3.72
C SER A 27 12.42 -9.66 -3.95
N PHE A 28 11.89 -8.68 -3.21
CA PHE A 28 10.48 -8.34 -3.33
C PHE A 28 10.19 -7.59 -4.61
N TYR A 29 10.87 -6.45 -4.79
CA TYR A 29 10.72 -5.66 -6.01
C TYR A 29 11.20 -6.44 -7.22
N GLY A 30 12.12 -7.37 -6.98
CA GLY A 30 12.66 -8.21 -8.04
C GLY A 30 11.61 -9.07 -8.70
N MET A 31 10.73 -9.66 -7.91
CA MET A 31 9.72 -10.56 -8.47
C MET A 31 8.38 -9.87 -8.69
N ARG A 32 8.16 -8.76 -7.98
CA ARG A 32 6.90 -8.03 -8.12
C ARG A 32 6.86 -7.22 -9.43
N ASN A 33 8.03 -6.74 -9.85
CA ASN A 33 8.13 -5.90 -11.04
C ASN A 33 8.08 -6.69 -12.35
N ILE A 34 8.34 -7.98 -12.29
CA ILE A 34 8.21 -8.84 -13.47
C ILE A 34 7.00 -9.75 -13.33
N LEU A 35 6.14 -9.45 -12.36
CA LEU A 35 4.98 -10.28 -12.11
C LEU A 35 3.95 -10.11 -13.22
N THR A 36 3.67 -8.86 -13.57
CA THR A 36 2.70 -8.56 -14.63
C THR A 36 3.17 -9.00 -16.04
N PRO A 37 4.45 -8.77 -16.38
CA PRO A 37 4.91 -9.34 -17.66
C PRO A 37 4.82 -10.86 -17.73
N PHE A 38 5.24 -11.56 -16.68
CA PHE A 38 5.20 -13.01 -16.63
C PHE A 38 3.78 -13.57 -16.81
N LEU A 39 2.80 -12.89 -16.23
CA LEU A 39 1.41 -13.34 -16.34
C LEU A 39 0.91 -13.22 -17.78
N MET A 40 1.35 -12.17 -18.47
CA MET A 40 0.93 -11.92 -19.84
C MET A 40 1.61 -12.83 -20.87
N THR A 41 2.91 -13.08 -20.69
CA THR A 41 3.67 -13.84 -21.66
C THR A 41 3.61 -15.35 -21.46
N ALA A 42 3.42 -15.79 -20.21
CA ALA A 42 3.57 -17.19 -19.89
C ALA A 42 2.36 -17.80 -19.20
N LEU A 43 2.23 -17.56 -17.90
CA LEU A 43 1.28 -18.27 -17.05
C LEU A 43 -0.18 -18.22 -17.53
N LEU A 44 -0.62 -17.07 -18.01
CA LEU A 44 -2.01 -16.92 -18.44
C LEU A 44 -2.16 -16.96 -19.96
N LEU A 45 -1.37 -17.79 -20.63
CA LEU A 45 -1.44 -17.90 -22.09
C LEU A 45 -2.74 -18.53 -22.57
N SER A 46 -3.32 -19.40 -21.74
CA SER A 46 -4.58 -20.08 -22.06
C SER A 46 -5.73 -19.09 -22.18
N ILE A 47 -5.51 -17.87 -21.70
CA ILE A 47 -6.47 -16.79 -21.83
C ILE A 47 -6.19 -16.03 -23.13
N PRO A 48 -7.25 -15.77 -23.92
CA PRO A 48 -7.12 -14.92 -25.11
C PRO A 48 -6.53 -13.56 -24.74
N GLU A 49 -5.74 -12.97 -25.65
CA GLU A 49 -5.01 -11.73 -25.39
C GLU A 49 -5.88 -10.60 -24.83
N GLU A 50 -7.03 -10.35 -25.46
CA GLU A 50 -7.90 -9.26 -25.03
C GLU A 50 -8.43 -9.50 -23.62
N LEU A 51 -8.72 -10.77 -23.32
CA LEU A 51 -9.20 -11.15 -22.00
C LEU A 51 -8.09 -11.20 -20.95
N ARG A 52 -6.87 -11.49 -21.40
CA ARG A 52 -5.76 -11.78 -20.50
C ARG A 52 -5.32 -10.59 -19.63
N GLY A 53 -5.42 -9.38 -20.19
CA GLY A 53 -5.00 -8.18 -19.47
C GLY A 53 -5.81 -7.91 -18.22
N ALA A 54 -7.09 -8.27 -18.25
CA ALA A 54 -7.97 -8.06 -17.12
C ALA A 54 -7.70 -9.07 -16.01
N VAL A 55 -7.37 -10.30 -16.40
CA VAL A 55 -7.10 -11.36 -15.44
C VAL A 55 -5.75 -11.14 -14.76
N ALA A 56 -4.81 -10.55 -15.50
CA ALA A 56 -3.47 -10.30 -14.95
C ALA A 56 -3.51 -9.26 -13.83
N LYS A 57 -4.29 -8.20 -14.04
CA LYS A 57 -4.43 -7.13 -13.04
C LYS A 57 -5.06 -7.65 -11.75
N ASP A 58 -6.02 -8.55 -11.89
CA ASP A 58 -6.69 -9.12 -10.73
C ASP A 58 -5.70 -9.88 -9.87
N VAL A 59 -4.88 -10.71 -10.52
CA VAL A 59 -3.87 -11.50 -9.82
C VAL A 59 -2.86 -10.61 -9.10
N PHE A 60 -2.37 -9.59 -9.79
CA PHE A 60 -1.39 -8.68 -9.22
C PHE A 60 -1.94 -7.93 -8.02
N HIS A 61 -3.11 -7.32 -8.18
CA HIS A 61 -3.65 -6.44 -7.15
C HIS A 61 -4.30 -7.21 -5.99
N SER A 62 -4.72 -8.45 -6.25
CA SER A 62 -5.16 -9.31 -5.15
C SER A 62 -3.95 -9.70 -4.33
N PHE A 63 -2.80 -9.75 -5.00
CA PHE A 63 -1.55 -10.06 -4.33
C PHE A 63 -1.12 -8.91 -3.45
N VAL A 64 -1.18 -7.70 -4.01
CA VAL A 64 -0.82 -6.48 -3.30
C VAL A 64 -1.70 -6.30 -2.07
N ILE A 65 -2.99 -6.55 -2.24
CA ILE A 65 -3.96 -6.47 -1.15
C ILE A 65 -3.49 -7.28 0.07
N GLY A 66 -3.07 -8.52 -0.16
CA GLY A 66 -2.58 -9.37 0.91
C GLY A 66 -1.28 -8.85 1.50
N VAL A 67 -0.48 -8.19 0.67
CA VAL A 67 0.81 -7.68 1.12
C VAL A 67 0.61 -6.56 2.14
N TYR A 68 -0.38 -5.71 1.89
CA TYR A 68 -0.68 -4.60 2.79
C TYR A 68 -1.87 -4.88 3.72
N PHE A 69 -2.23 -6.15 3.84
CA PHE A 69 -3.27 -6.55 4.79
C PHE A 69 -2.65 -7.32 5.94
N PHE A 70 -1.74 -8.22 5.60
CA PHE A 70 -1.09 -9.09 6.56
C PHE A 70 -0.15 -8.45 7.59
N PRO A 71 0.22 -7.15 7.44
CA PRO A 71 0.88 -6.55 8.60
C PRO A 71 0.06 -6.64 9.90
N LEU A 72 -1.26 -6.58 9.80
CA LEU A 72 -2.13 -6.69 10.98
C LEU A 72 -1.96 -8.03 11.68
N LEU A 73 -1.81 -9.10 10.90
CA LEU A 73 -1.59 -10.43 11.47
C LEU A 73 -0.21 -10.50 12.12
N GLY A 74 0.79 -9.97 11.43
CA GLY A 74 2.16 -10.02 11.90
C GLY A 74 2.36 -9.29 13.21
N GLY A 75 1.92 -8.04 13.26
CA GLY A 75 2.05 -7.23 14.46
C GLY A 75 1.33 -7.84 15.65
N TRP A 76 0.22 -8.51 15.37
CA TRP A 76 -0.57 -9.16 16.42
C TRP A 76 0.16 -10.36 17.00
N ILE A 77 0.65 -11.25 16.14
CA ILE A 77 1.37 -12.44 16.57
C ILE A 77 2.61 -12.11 17.39
N ALA A 78 3.33 -11.07 16.97
CA ALA A 78 4.54 -10.65 17.67
C ALA A 78 4.24 -10.06 19.04
N ASP A 79 3.25 -9.19 19.11
CA ASP A 79 2.89 -8.53 20.35
C ASP A 79 2.19 -9.45 21.35
N ARG A 80 1.33 -10.33 20.84
CA ARG A 80 0.54 -11.19 21.70
C ARG A 80 1.28 -12.44 22.17
N PHE A 81 2.08 -13.06 21.30
CA PHE A 81 2.67 -14.35 21.63
C PHE A 81 4.19 -14.37 21.61
N PHE A 82 4.77 -14.55 20.42
CA PHE A 82 6.14 -15.03 20.29
C PHE A 82 7.24 -13.96 20.30
N GLY A 83 6.88 -12.69 20.12
CA GLY A 83 7.87 -11.63 20.08
C GLY A 83 8.29 -11.28 18.66
N LYS A 84 8.98 -10.16 18.49
CA LYS A 84 9.31 -9.69 17.15
C LYS A 84 10.36 -10.55 16.45
N TYR A 85 11.45 -10.88 17.13
CA TYR A 85 12.51 -11.67 16.50
C TYR A 85 11.99 -13.00 15.98
N ASN A 86 11.37 -13.78 16.84
CA ASN A 86 10.92 -15.12 16.47
C ASN A 86 9.84 -15.08 15.40
N THR A 87 9.00 -14.05 15.43
CA THR A 87 7.93 -13.94 14.44
C THR A 87 8.50 -13.60 13.07
N ILE A 88 9.46 -12.69 13.03
CA ILE A 88 10.13 -12.33 11.78
C ILE A 88 10.82 -13.54 11.18
N LEU A 89 11.50 -14.32 12.02
CA LEU A 89 12.27 -15.47 11.58
C LEU A 89 11.43 -16.53 10.89
N TRP A 90 10.26 -16.84 11.48
CA TRP A 90 9.42 -17.90 10.95
C TRP A 90 8.54 -17.42 9.80
N LEU A 91 8.28 -16.12 9.77
CA LEU A 91 7.56 -15.52 8.65
C LEU A 91 8.49 -15.37 7.45
N SER A 92 9.78 -15.20 7.73
CA SER A 92 10.78 -15.05 6.69
C SER A 92 11.07 -16.39 6.02
N LEU A 93 10.95 -17.47 6.78
CA LEU A 93 11.14 -18.80 6.22
C LEU A 93 9.96 -19.14 5.31
N ILE A 94 8.75 -18.80 5.77
CA ILE A 94 7.54 -18.96 4.97
C ILE A 94 7.64 -18.11 3.70
N TYR A 95 8.17 -16.90 3.87
CA TYR A 95 8.45 -15.99 2.76
C TYR A 95 9.38 -16.68 1.75
N CYS A 96 10.41 -17.34 2.25
CA CYS A 96 11.35 -18.08 1.40
C CYS A 96 10.64 -19.16 0.59
N VAL A 97 9.80 -19.94 1.28
CA VAL A 97 9.06 -21.03 0.65
C VAL A 97 8.16 -20.49 -0.45
N GLY A 98 7.57 -19.32 -0.22
CA GLY A 98 6.71 -18.70 -1.20
C GLY A 98 7.44 -18.39 -2.50
N HIS A 99 8.65 -17.87 -2.37
CA HIS A 99 9.51 -17.61 -3.52
C HIS A 99 9.85 -18.91 -4.24
N ALA A 100 10.09 -19.96 -3.47
CA ALA A 100 10.38 -21.28 -4.02
C ALA A 100 9.19 -21.83 -4.81
N PHE A 101 7.98 -21.61 -4.28
CA PHE A 101 6.77 -22.06 -4.95
C PHE A 101 6.59 -21.42 -6.32
N LEU A 102 7.07 -20.19 -6.45
CA LEU A 102 6.94 -19.45 -7.69
C LEU A 102 7.78 -20.08 -8.79
N ALA A 103 8.91 -20.66 -8.41
CA ALA A 103 9.78 -21.35 -9.37
C ALA A 103 9.29 -22.77 -9.64
N ILE A 104 9.07 -23.52 -8.57
CA ILE A 104 8.64 -24.91 -8.68
C ILE A 104 7.31 -25.05 -9.42
N PHE A 105 6.33 -24.23 -9.07
CA PHE A 105 5.03 -24.27 -9.71
C PHE A 105 4.88 -23.19 -10.78
N GLU A 106 5.94 -23.04 -11.57
CA GLU A 106 5.99 -22.08 -12.67
C GLU A 106 4.87 -22.26 -13.68
N HIS A 107 4.53 -23.52 -13.97
CA HIS A 107 3.60 -23.81 -15.06
C HIS A 107 2.21 -24.22 -14.58
N SER A 108 2.00 -24.24 -13.27
CA SER A 108 0.68 -24.53 -12.74
C SER A 108 0.10 -23.28 -12.09
N VAL A 109 -1.13 -22.93 -12.47
CA VAL A 109 -1.77 -21.71 -12.00
C VAL A 109 -2.12 -21.76 -10.51
N GLN A 110 -2.73 -22.86 -10.09
CA GLN A 110 -3.09 -23.04 -8.69
C GLN A 110 -1.87 -22.95 -7.79
N GLY A 111 -0.79 -23.61 -8.20
CA GLY A 111 0.43 -23.65 -7.41
C GLY A 111 1.16 -22.32 -7.38
N PHE A 112 1.00 -21.53 -8.43
CA PHE A 112 1.65 -20.23 -8.49
C PHE A 112 0.92 -19.23 -7.60
N TYR A 113 -0.40 -19.28 -7.61
CA TYR A 113 -1.24 -18.44 -6.76
C TYR A 113 -0.97 -18.73 -5.29
N THR A 114 -0.65 -19.98 -4.99
CA THR A 114 -0.37 -20.39 -3.62
C THR A 114 0.93 -19.75 -3.14
N GLY A 115 1.92 -19.70 -4.03
CA GLY A 115 3.20 -19.09 -3.71
C GLY A 115 3.09 -17.59 -3.51
N LEU A 116 2.21 -16.96 -4.26
CA LEU A 116 1.98 -15.53 -4.11
C LEU A 116 1.41 -15.24 -2.72
N PHE A 117 0.55 -16.13 -2.26
CA PHE A 117 -0.07 -16.03 -0.94
C PHE A 117 0.97 -16.08 0.17
N LEU A 118 1.92 -17.00 0.04
CA LEU A 118 2.96 -17.17 1.05
C LEU A 118 3.92 -15.99 1.07
N ILE A 119 4.12 -15.36 -0.08
CA ILE A 119 4.96 -14.19 -0.16
C ILE A 119 4.26 -12.98 0.45
N ALA A 120 2.96 -12.86 0.18
CA ALA A 120 2.15 -11.80 0.75
C ALA A 120 2.06 -11.97 2.27
N LEU A 121 2.04 -13.22 2.71
CA LEU A 121 1.98 -13.53 4.13
C LEU A 121 3.31 -13.23 4.81
N GLY A 122 4.40 -13.54 4.14
CA GLY A 122 5.73 -13.34 4.69
C GLY A 122 6.20 -11.90 4.60
N SER A 123 6.05 -11.29 3.43
CA SER A 123 6.54 -9.93 3.22
C SER A 123 5.73 -8.91 4.00
N GLY A 124 4.41 -9.08 3.99
CA GLY A 124 3.52 -8.20 4.73
C GLY A 124 3.63 -8.41 6.22
N GLY A 125 3.69 -9.66 6.64
CA GLY A 125 3.78 -10.01 8.05
C GLY A 125 4.99 -9.43 8.77
N ILE A 126 6.11 -9.30 8.06
CA ILE A 126 7.33 -8.79 8.68
C ILE A 126 7.52 -7.29 8.44
N LYS A 127 6.60 -6.68 7.70
CA LYS A 127 6.76 -5.27 7.35
C LYS A 127 6.68 -4.34 8.57
N PRO A 128 5.68 -4.53 9.46
CA PRO A 128 5.69 -3.66 10.63
C PRO A 128 6.74 -4.05 11.66
N LEU A 129 7.09 -5.34 11.67
CA LEU A 129 7.98 -5.87 12.70
C LEU A 129 9.44 -5.44 12.52
N VAL A 130 9.96 -5.51 11.30
CA VAL A 130 11.40 -5.30 11.07
C VAL A 130 11.84 -3.86 11.35
N SER A 131 11.11 -2.89 10.84
CA SER A 131 11.48 -1.48 10.99
C SER A 131 11.51 -1.05 12.45
N SER A 132 10.49 -1.45 13.20
CA SER A 132 10.42 -1.13 14.62
C SER A 132 11.43 -1.93 15.44
N PHE A 133 11.66 -3.18 15.06
CA PHE A 133 12.67 -4.01 15.72
C PHE A 133 14.03 -3.35 15.62
N MET A 134 14.31 -2.74 14.48
CA MET A 134 15.55 -2.01 14.29
C MET A 134 15.58 -0.79 15.20
N GLY A 135 14.40 -0.23 15.46
CA GLY A 135 14.26 0.96 16.26
C GLY A 135 14.58 0.76 17.72
N ASP A 136 14.13 -0.35 18.30
CA ASP A 136 14.34 -0.58 19.73
C ASP A 136 15.68 -1.27 20.00
N GLN A 137 16.66 -1.03 19.14
CA GLN A 137 18.03 -1.48 19.37
C GLN A 137 18.87 -0.30 19.86
N PHE A 138 18.23 0.86 19.91
CA PHE A 138 18.90 2.09 20.34
C PHE A 138 18.37 2.54 21.69
N ASP A 139 19.27 2.91 22.58
CA ASP A 139 18.87 3.50 23.86
C ASP A 139 19.01 5.02 23.76
N GLN A 140 18.89 5.69 24.91
CA GLN A 140 18.96 7.15 24.93
C GLN A 140 20.31 7.67 24.48
N SER A 141 21.36 6.89 24.73
CA SER A 141 22.70 7.27 24.31
C SER A 141 22.89 7.09 22.81
N ASN A 142 22.29 6.03 22.27
CA ASN A 142 22.40 5.69 20.85
C ASN A 142 21.56 6.57 19.93
N LYS A 143 20.42 7.04 20.46
CA LYS A 143 19.34 7.63 19.67
C LYS A 143 19.76 8.61 18.58
N SER A 144 20.89 9.28 18.78
CA SER A 144 21.41 10.21 17.81
C SER A 144 21.69 9.54 16.46
N LEU A 145 22.04 8.26 16.53
CA LEU A 145 22.42 7.47 15.36
C LEU A 145 21.23 6.79 14.69
N ALA A 146 20.15 6.65 15.44
CA ALA A 146 18.96 5.95 14.95
C ALA A 146 18.42 6.55 13.65
N GLN A 147 18.46 7.87 13.55
CA GLN A 147 17.96 8.55 12.35
C GLN A 147 18.85 8.22 11.14
N LYS A 148 20.13 8.00 11.39
CA LYS A 148 21.06 7.63 10.33
C LYS A 148 20.78 6.20 9.88
N ALA A 149 20.39 5.35 10.82
CA ALA A 149 20.09 3.95 10.53
C ALA A 149 18.84 3.80 9.69
N PHE A 150 17.78 4.54 10.03
CA PHE A 150 16.55 4.52 9.26
C PHE A 150 16.73 5.21 7.92
N ASP A 151 17.76 6.04 7.82
CA ASP A 151 18.10 6.65 6.54
C ASP A 151 18.60 5.57 5.58
N MET A 152 19.39 4.64 6.10
CA MET A 152 19.90 3.53 5.32
C MET A 152 18.77 2.64 4.82
N PHE A 153 17.76 2.44 5.67
CA PHE A 153 16.57 1.69 5.31
C PHE A 153 15.96 2.28 4.05
N TYR A 154 15.72 3.59 4.09
CA TYR A 154 15.16 4.32 2.96
C TYR A 154 15.96 4.14 1.68
N PHE A 155 17.29 4.07 1.80
CA PHE A 155 18.16 3.94 0.64
C PHE A 155 18.04 2.55 0.00
N THR A 156 18.00 1.52 0.83
CA THR A 156 17.90 0.15 0.33
C THR A 156 16.56 -0.12 -0.37
N ILE A 157 15.52 0.61 0.03
CA ILE A 157 14.22 0.51 -0.63
C ILE A 157 14.33 0.96 -2.07
N ASN A 158 14.93 2.14 -2.26
CA ASN A 158 15.07 2.73 -3.59
C ASN A 158 16.17 2.06 -4.41
N PHE A 159 17.30 1.80 -3.78
CA PHE A 159 18.40 1.07 -4.42
C PHE A 159 17.90 -0.27 -4.96
N GLY A 160 17.19 -1.02 -4.11
CA GLY A 160 16.65 -2.30 -4.49
C GLY A 160 15.61 -2.21 -5.59
N SER A 161 14.68 -1.27 -5.45
CA SER A 161 13.61 -1.13 -6.42
C SER A 161 14.11 -0.64 -7.77
N PHE A 162 15.24 0.06 -7.75
CA PHE A 162 15.82 0.59 -8.98
C PHE A 162 16.48 -0.51 -9.79
N PHE A 163 17.44 -1.21 -9.18
CA PHE A 163 18.19 -2.24 -9.88
C PHE A 163 17.37 -3.50 -10.17
N ALA A 164 16.42 -3.82 -9.30
CA ALA A 164 15.57 -4.98 -9.54
C ALA A 164 14.64 -4.75 -10.73
N SER A 165 14.32 -3.48 -10.98
CA SER A 165 13.48 -3.13 -12.13
C SER A 165 14.25 -3.23 -13.43
N LEU A 166 15.57 -3.20 -13.35
CA LEU A 166 16.41 -3.25 -14.54
C LEU A 166 16.83 -4.67 -14.87
N SER A 167 17.35 -5.36 -13.86
CA SER A 167 17.96 -6.67 -14.06
C SER A 167 16.97 -7.82 -14.23
N MET A 168 15.87 -7.78 -13.50
CA MET A 168 14.90 -8.89 -13.49
C MET A 168 14.11 -9.09 -14.79
N PRO A 169 13.73 -7.99 -15.48
CA PRO A 169 13.13 -8.20 -16.81
C PRO A 169 14.07 -8.92 -17.77
N LEU A 170 15.35 -8.55 -17.72
CA LEU A 170 16.37 -9.16 -18.58
C LEU A 170 16.62 -10.61 -18.21
N LEU A 171 16.63 -10.89 -16.91
CA LEU A 171 16.85 -12.26 -16.44
C LEU A 171 15.70 -13.17 -16.88
N LEU A 172 14.50 -12.61 -16.90
CA LEU A 172 13.31 -13.34 -17.31
C LEU A 172 13.33 -13.63 -18.80
N LYS A 173 13.82 -12.66 -19.57
CA LYS A 173 13.84 -12.76 -21.02
C LYS A 173 14.80 -13.85 -21.49
N ASN A 174 15.96 -13.95 -20.83
CA ASN A 174 17.01 -14.84 -21.27
C ASN A 174 16.95 -16.23 -20.65
N PHE A 175 16.41 -16.32 -19.44
CA PHE A 175 16.48 -17.55 -18.67
C PHE A 175 15.13 -18.14 -18.30
N GLY A 176 14.07 -17.34 -18.43
CA GLY A 176 12.74 -17.80 -18.11
C GLY A 176 12.33 -17.55 -16.68
N ALA A 177 11.14 -18.01 -16.31
CA ALA A 177 10.57 -17.74 -15.00
C ALA A 177 11.30 -18.44 -13.85
N ALA A 178 11.74 -19.67 -14.08
CA ALA A 178 12.40 -20.46 -13.05
C ALA A 178 13.63 -19.77 -12.47
N VAL A 179 14.41 -19.14 -13.34
CA VAL A 179 15.61 -18.43 -12.92
C VAL A 179 15.26 -17.05 -12.39
N ALA A 180 14.37 -16.36 -13.10
CA ALA A 180 13.95 -15.01 -12.73
C ALA A 180 13.23 -14.97 -11.38
N PHE A 181 12.61 -16.08 -10.99
CA PHE A 181 11.90 -16.16 -9.72
C PHE A 181 12.71 -16.91 -8.66
N GLY A 182 13.76 -17.61 -9.10
CA GLY A 182 14.60 -18.35 -8.19
C GLY A 182 15.71 -17.51 -7.59
N ILE A 183 16.19 -16.54 -8.36
CA ILE A 183 17.24 -15.63 -7.88
C ILE A 183 16.75 -14.78 -6.69
N PRO A 184 15.53 -14.21 -6.76
CA PRO A 184 15.03 -13.53 -5.56
C PRO A 184 14.87 -14.48 -4.38
N GLY A 185 14.45 -15.71 -4.67
CA GLY A 185 14.30 -16.73 -3.65
C GLY A 185 15.61 -17.03 -2.94
N VAL A 186 16.69 -17.09 -3.72
CA VAL A 186 18.02 -17.29 -3.16
C VAL A 186 18.39 -16.09 -2.31
N LEU A 187 18.14 -14.91 -2.86
CA LEU A 187 18.38 -13.66 -2.16
C LEU A 187 17.59 -13.55 -0.86
N MET A 188 16.34 -13.99 -0.89
CA MET A 188 15.50 -13.94 0.30
C MET A 188 16.01 -14.86 1.39
N PHE A 189 16.58 -16.00 0.98
CA PHE A 189 17.13 -16.94 1.96
C PHE A 189 18.36 -16.34 2.62
N VAL A 190 19.17 -15.64 1.85
CA VAL A 190 20.34 -14.97 2.38
C VAL A 190 19.92 -13.85 3.33
N ALA A 191 18.78 -13.23 3.03
CA ALA A 191 18.20 -12.20 3.88
C ALA A 191 17.91 -12.73 5.28
N THR A 192 17.30 -13.91 5.35
CA THR A 192 16.98 -14.51 6.64
C THR A 192 18.23 -14.94 7.37
N VAL A 193 19.24 -15.35 6.62
CA VAL A 193 20.49 -15.80 7.23
C VAL A 193 21.17 -14.63 7.95
N PHE A 194 21.18 -13.47 7.31
CA PHE A 194 21.73 -12.28 7.93
C PHE A 194 21.00 -11.92 9.22
N PHE A 195 19.68 -12.08 9.22
CA PHE A 195 18.87 -11.78 10.38
C PHE A 195 19.08 -12.80 11.48
N TRP A 196 19.36 -14.04 11.09
CA TRP A 196 19.60 -15.12 12.04
C TRP A 196 21.01 -15.04 12.61
N LEU A 197 21.93 -14.45 11.85
CA LEU A 197 23.34 -14.41 12.25
C LEU A 197 23.62 -13.47 13.42
N GLY A 198 22.65 -12.63 13.76
CA GLY A 198 22.83 -11.69 14.85
C GLY A 198 21.84 -11.88 15.99
N ARG A 199 21.36 -13.11 16.14
CA ARG A 199 20.33 -13.44 17.12
C ARG A 199 20.80 -13.27 18.56
N LYS A 200 22.09 -13.51 18.80
CA LYS A 200 22.68 -13.36 20.12
C LYS A 200 22.96 -11.91 20.47
N ARG A 201 22.80 -11.03 19.49
CA ARG A 201 23.14 -9.63 19.68
C ARG A 201 21.91 -8.75 19.95
N TYR A 202 20.78 -9.13 19.38
CA TYR A 202 19.58 -8.30 19.39
C TYR A 202 19.07 -7.98 20.80
N ILE A 203 18.51 -6.79 20.94
CA ILE A 203 17.84 -6.38 22.17
C ILE A 203 16.33 -6.59 22.07
N HIS A 204 15.79 -7.36 22.99
CA HIS A 204 14.38 -7.75 22.95
C HIS A 204 13.56 -7.05 24.01
N MET A 205 12.73 -6.09 23.58
CA MET A 205 11.88 -5.36 24.51
C MET A 205 10.80 -6.26 25.07
N PRO A 206 10.48 -6.10 26.37
CA PRO A 206 9.45 -6.88 27.04
C PRO A 206 8.11 -6.71 26.35
N PRO A 207 7.27 -7.75 26.36
CA PRO A 207 5.95 -7.70 25.72
C PRO A 207 5.09 -6.56 26.25
N GLU A 208 4.52 -5.77 25.33
CA GLU A 208 3.66 -4.65 25.69
C GLU A 208 2.42 -5.12 26.42
N PRO A 209 2.08 -4.47 27.53
CA PRO A 209 0.83 -4.75 28.25
C PRO A 209 -0.38 -4.29 27.44
N LYS A 210 -1.36 -5.16 27.27
CA LYS A 210 -2.57 -4.82 26.52
C LYS A 210 -3.29 -3.66 27.18
N ASP A 211 -3.74 -2.70 26.36
CA ASP A 211 -4.42 -1.51 26.87
C ASP A 211 -5.91 -1.74 26.98
N PRO A 212 -6.44 -1.75 28.22
CA PRO A 212 -7.88 -1.90 28.45
C PRO A 212 -8.63 -0.64 28.02
N HIS A 213 -7.90 0.44 27.81
CA HIS A 213 -8.45 1.70 27.33
C HIS A 213 -7.96 2.00 25.92
N GLY A 214 -7.59 0.95 25.20
CA GLY A 214 -7.09 1.07 23.84
C GLY A 214 -8.18 1.45 22.88
N PHE A 215 -7.83 1.61 21.61
CA PHE A 215 -8.76 2.02 20.56
C PHE A 215 -10.02 1.15 20.51
N LEU A 216 -9.82 -0.16 20.35
CA LEU A 216 -10.93 -1.10 20.22
C LEU A 216 -11.82 -1.22 21.47
N PRO A 217 -11.22 -1.33 22.68
CA PRO A 217 -12.10 -1.39 23.85
C PRO A 217 -13.01 -0.17 24.01
N VAL A 218 -12.53 1.01 23.61
CA VAL A 218 -13.37 2.20 23.60
C VAL A 218 -14.48 2.09 22.55
N ILE A 219 -14.13 1.58 21.37
CA ILE A 219 -15.12 1.36 20.32
C ILE A 219 -16.20 0.38 20.79
N ARG A 220 -15.79 -0.67 21.48
CA ARG A 220 -16.73 -1.66 21.99
C ARG A 220 -17.64 -1.05 23.04
N SER A 221 -17.10 -0.10 23.81
CA SER A 221 -17.89 0.58 24.83
C SER A 221 -18.90 1.52 24.19
N ALA A 222 -18.48 2.24 23.17
CA ALA A 222 -19.34 3.23 22.51
C ALA A 222 -20.58 2.60 21.86
N LEU A 223 -20.50 1.32 21.55
CA LEU A 223 -21.61 0.63 20.89
C LEU A 223 -22.52 -0.11 21.86
N LEU A 224 -21.92 -0.79 22.83
CA LEU A 224 -22.67 -1.66 23.74
C LEU A 224 -23.28 -0.91 24.93
N THR A 225 -22.64 0.16 25.36
CA THR A 225 -23.17 0.97 26.46
C THR A 225 -24.51 1.57 26.10
N LYS A 226 -25.50 1.34 26.95
CA LYS A 226 -26.85 1.87 26.74
C LYS A 226 -27.15 3.06 27.65
N VAL A 227 -27.53 4.17 27.05
CA VAL A 227 -27.93 5.36 27.81
C VAL A 227 -29.43 5.29 28.07
N GLU A 228 -29.89 5.90 29.16
CA GLU A 228 -31.30 5.81 29.56
C GLU A 228 -32.24 6.44 28.53
N GLY A 229 -33.39 5.80 28.34
CA GLY A 229 -34.46 6.29 27.48
C GLY A 229 -34.06 6.75 26.10
N LYS A 230 -33.07 6.10 25.50
CA LYS A 230 -32.73 6.35 24.11
C LYS A 230 -32.50 5.03 23.39
N GLY A 231 -32.51 5.09 22.06
CA GLY A 231 -32.18 3.92 21.25
C GLY A 231 -30.70 4.00 20.88
N ASN A 232 -30.20 2.97 20.21
CA ASN A 232 -28.82 2.99 19.76
C ASN A 232 -28.68 2.91 18.24
N ILE A 233 -28.57 4.08 17.61
CA ILE A 233 -28.37 4.16 16.17
C ILE A 233 -27.03 3.52 15.81
N GLY A 234 -26.04 3.71 16.68
CA GLY A 234 -24.70 3.21 16.47
C GLY A 234 -24.62 1.70 16.30
N LEU A 235 -25.36 0.98 17.14
CA LEU A 235 -25.33 -0.48 17.08
C LEU A 235 -26.12 -1.00 15.88
N VAL A 236 -27.11 -0.23 15.44
CA VAL A 236 -27.88 -0.59 14.25
C VAL A 236 -26.98 -0.56 13.01
N LEU A 237 -26.17 0.48 12.90
CA LEU A 237 -25.22 0.61 11.80
C LEU A 237 -24.23 -0.55 11.79
N ALA A 238 -23.81 -0.95 12.98
CA ALA A 238 -22.91 -2.10 13.12
C ALA A 238 -23.54 -3.35 12.54
N LEU A 239 -24.80 -3.60 12.92
CA LEU A 239 -25.53 -4.75 12.41
C LEU A 239 -25.74 -4.61 10.91
N ILE A 240 -25.96 -3.38 10.45
CA ILE A 240 -26.10 -3.12 9.02
C ILE A 240 -24.85 -3.53 8.26
N GLY A 241 -23.70 -3.07 8.76
CA GLY A 241 -22.43 -3.44 8.18
C GLY A 241 -22.20 -4.93 8.20
N GLY A 242 -22.65 -5.58 9.27
CA GLY A 242 -22.59 -7.02 9.37
C GLY A 242 -23.48 -7.68 8.34
N VAL A 243 -24.63 -7.07 8.09
CA VAL A 243 -25.57 -7.55 7.08
C VAL A 243 -25.01 -7.28 5.68
N SER A 244 -24.51 -6.06 5.48
CA SER A 244 -23.94 -5.65 4.21
C SER A 244 -22.75 -6.52 3.81
N ALA A 245 -21.88 -6.78 4.77
CA ALA A 245 -20.72 -7.64 4.53
C ALA A 245 -21.17 -9.00 4.05
N ALA A 246 -22.25 -9.50 4.64
CA ALA A 246 -22.80 -10.79 4.27
C ALA A 246 -23.32 -10.76 2.84
N TYR A 247 -23.86 -9.62 2.43
CA TYR A 247 -24.35 -9.44 1.07
C TYR A 247 -23.19 -9.39 0.09
N ALA A 248 -22.02 -8.99 0.56
CA ALA A 248 -20.82 -8.95 -0.26
C ALA A 248 -20.14 -10.32 -0.28
N LEU A 249 -20.16 -10.99 0.86
CA LEU A 249 -19.57 -12.32 1.00
C LEU A 249 -20.34 -13.36 0.19
N VAL A 250 -21.66 -13.22 0.12
CA VAL A 250 -22.46 -14.13 -0.68
C VAL A 250 -22.20 -13.88 -2.17
N ASN A 251 -22.02 -12.62 -2.53
CA ASN A 251 -21.76 -12.27 -3.92
C ASN A 251 -20.29 -12.44 -4.34
N ILE A 252 -19.58 -13.33 -3.66
CA ILE A 252 -18.20 -13.67 -4.03
C ILE A 252 -18.06 -14.22 -5.46
N PRO A 253 -19.00 -15.08 -5.92
CA PRO A 253 -18.88 -15.56 -7.30
C PRO A 253 -18.80 -14.46 -8.36
N THR A 254 -19.40 -13.31 -8.09
CA THR A 254 -19.34 -12.19 -9.02
C THR A 254 -18.12 -11.31 -8.72
N LEU A 255 -17.88 -11.05 -7.44
CA LEU A 255 -16.79 -10.17 -7.02
C LEU A 255 -15.43 -10.86 -7.08
N GLY A 256 -15.36 -12.09 -6.61
CA GLY A 256 -14.11 -12.79 -6.45
C GLY A 256 -13.82 -12.97 -4.97
N ILE A 257 -12.93 -13.89 -4.65
CA ILE A 257 -12.66 -14.22 -3.24
C ILE A 257 -12.00 -13.06 -2.50
N VAL A 258 -10.85 -12.62 -2.97
CA VAL A 258 -10.11 -11.55 -2.31
C VAL A 258 -10.88 -10.23 -2.36
N ALA A 259 -11.59 -9.98 -3.46
CA ALA A 259 -12.37 -8.77 -3.58
C ALA A 259 -13.55 -8.77 -2.61
N GLY A 260 -14.20 -9.93 -2.50
CA GLY A 260 -15.32 -10.10 -1.59
C GLY A 260 -14.94 -9.94 -0.13
N LEU A 261 -13.82 -10.52 0.26
CA LEU A 261 -13.33 -10.44 1.64
C LEU A 261 -12.98 -9.02 2.04
N CYS A 262 -12.50 -8.23 1.09
CA CYS A 262 -12.14 -6.85 1.37
C CYS A 262 -13.38 -5.98 1.45
N CYS A 263 -14.36 -6.23 0.57
CA CYS A 263 -15.62 -5.51 0.61
C CYS A 263 -16.29 -5.67 1.96
N ALA A 264 -16.31 -6.91 2.45
CA ALA A 264 -16.86 -7.20 3.76
C ALA A 264 -16.09 -6.44 4.83
N MET A 265 -14.77 -6.53 4.77
CA MET A 265 -13.91 -5.87 5.74
C MET A 265 -14.13 -4.36 5.76
N VAL A 266 -14.24 -3.76 4.57
CA VAL A 266 -14.44 -2.32 4.44
C VAL A 266 -15.79 -1.90 4.99
N LEU A 267 -16.84 -2.60 4.57
CA LEU A 267 -18.19 -2.30 5.04
C LEU A 267 -18.30 -2.42 6.55
N VAL A 268 -17.71 -3.47 7.11
CA VAL A 268 -17.75 -3.71 8.55
C VAL A 268 -17.07 -2.56 9.28
N MET A 269 -15.79 -2.33 8.98
CA MET A 269 -15.05 -1.28 9.69
C MET A 269 -15.59 0.11 9.34
N GLY A 270 -16.23 0.23 8.18
CA GLY A 270 -16.79 1.49 7.74
C GLY A 270 -18.03 1.86 8.52
N PHE A 271 -18.93 0.89 8.68
CA PHE A 271 -20.18 1.13 9.39
C PHE A 271 -20.02 1.08 10.91
N VAL A 272 -19.14 0.22 11.40
CA VAL A 272 -18.85 0.18 12.84
C VAL A 272 -18.18 1.49 13.25
N GLY A 273 -17.26 1.96 12.42
CA GLY A 273 -16.58 3.22 12.66
C GLY A 273 -17.53 4.40 12.66
N ALA A 274 -18.51 4.38 11.77
CA ALA A 274 -19.51 5.45 11.69
C ALA A 274 -20.40 5.43 12.93
N GLY A 275 -20.87 4.25 13.29
CA GLY A 275 -21.75 4.08 14.44
C GLY A 275 -21.11 4.49 15.76
N ALA A 276 -19.84 4.12 15.95
CA ALA A 276 -19.14 4.45 17.18
C ALA A 276 -18.93 5.95 17.33
N SER A 277 -18.80 6.65 16.20
CA SER A 277 -18.60 8.09 16.21
C SER A 277 -19.83 8.81 16.74
N LEU A 278 -21.01 8.28 16.40
CA LEU A 278 -22.28 8.85 16.87
C LEU A 278 -22.43 8.74 18.37
N GLN A 279 -21.94 7.63 18.92
CA GLN A 279 -22.19 7.28 20.30
C GLN A 279 -20.94 7.30 21.17
N LEU A 280 -19.95 8.07 20.75
CA LEU A 280 -18.64 8.05 21.40
C LEU A 280 -18.66 8.62 22.82
N GLU A 281 -19.61 9.51 23.10
CA GLU A 281 -19.68 10.13 24.42
C GLU A 281 -20.02 9.10 25.50
N ARG A 282 -20.72 8.05 25.08
CA ARG A 282 -21.11 6.97 25.99
C ARG A 282 -19.91 6.17 26.49
N ALA A 283 -18.79 6.28 25.79
CA ALA A 283 -17.58 5.55 26.16
C ALA A 283 -16.90 6.15 27.40
N ARG A 284 -17.26 7.39 27.73
CA ARG A 284 -16.63 8.11 28.84
C ARG A 284 -16.96 7.49 30.20
N LYS A 285 -18.03 6.70 30.23
CA LYS A 285 -18.43 6.01 31.44
C LYS A 285 -17.42 4.95 31.85
N SER A 286 -16.84 4.29 30.85
CA SER A 286 -15.97 3.14 31.11
C SER A 286 -14.50 3.41 30.80
N HIS A 287 -14.19 4.59 30.29
CA HIS A 287 -12.82 4.90 29.88
C HIS A 287 -12.43 6.34 30.18
N PRO A 288 -11.14 6.56 30.48
CA PRO A 288 -10.57 7.89 30.76
C PRO A 288 -10.90 8.93 29.69
N ASP A 289 -10.99 10.18 30.10
CA ASP A 289 -11.33 11.28 29.20
C ASP A 289 -10.26 11.46 28.12
N ALA A 290 -9.00 11.26 28.49
CA ALA A 290 -7.89 11.41 27.56
C ALA A 290 -7.85 10.27 26.55
N ALA A 291 -8.38 9.12 26.95
CA ALA A 291 -8.36 7.93 26.10
C ALA A 291 -9.49 7.96 25.08
N VAL A 292 -10.63 8.49 25.48
CA VAL A 292 -11.78 8.60 24.59
C VAL A 292 -11.58 9.74 23.59
N ASP A 293 -10.92 10.80 24.06
CA ASP A 293 -10.58 11.93 23.20
C ASP A 293 -9.62 11.50 22.10
N GLY A 294 -8.70 10.61 22.43
CA GLY A 294 -7.73 10.12 21.47
C GLY A 294 -8.38 9.33 20.35
N VAL A 295 -9.33 8.48 20.70
CA VAL A 295 -10.08 7.72 19.70
C VAL A 295 -10.81 8.66 18.76
N ARG A 296 -11.32 9.77 19.29
CA ARG A 296 -11.96 10.79 18.48
C ARG A 296 -10.95 11.37 17.48
N SER A 297 -9.71 11.55 17.92
CA SER A 297 -8.65 12.07 17.06
C SER A 297 -8.36 11.10 15.92
N VAL A 298 -8.32 9.81 16.25
CA VAL A 298 -8.05 8.77 15.26
C VAL A 298 -9.19 8.69 14.23
N LEU A 299 -10.42 8.71 14.72
CA LEU A 299 -11.59 8.62 13.84
C LEU A 299 -11.61 9.72 12.80
N ARG A 300 -11.02 10.88 13.12
CA ARG A 300 -10.93 11.97 12.17
C ARG A 300 -9.85 11.68 11.14
N ILE A 301 -8.78 11.02 11.58
CA ILE A 301 -7.69 10.63 10.70
C ILE A 301 -8.16 9.55 9.73
N LEU A 302 -9.09 8.71 10.19
CA LEU A 302 -9.64 7.66 9.36
C LEU A 302 -10.29 8.22 8.11
N VAL A 303 -11.05 9.30 8.26
CA VAL A 303 -11.70 9.92 7.11
C VAL A 303 -10.66 10.50 6.16
N LEU A 304 -9.59 11.05 6.74
CA LEU A 304 -8.47 11.55 5.96
C LEU A 304 -7.87 10.42 5.11
N PHE A 305 -7.60 9.28 5.74
CA PHE A 305 -6.99 8.14 5.05
C PHE A 305 -7.89 7.58 3.95
N ALA A 306 -9.19 7.60 4.19
CA ALA A 306 -10.15 7.05 3.24
C ALA A 306 -10.14 7.82 1.92
N LEU A 307 -9.90 9.13 2.00
CA LEU A 307 -9.89 9.98 0.83
C LEU A 307 -8.54 9.88 0.10
N VAL A 308 -7.59 9.22 0.73
CA VAL A 308 -6.26 9.07 0.14
C VAL A 308 -6.20 7.77 -0.68
N THR A 309 -7.08 6.83 -0.38
CA THR A 309 -7.12 5.53 -1.09
C THR A 309 -7.13 5.60 -2.63
N PRO A 310 -7.80 6.63 -3.23
CA PRO A 310 -7.66 6.69 -4.68
C PRO A 310 -6.25 6.97 -5.17
N PHE A 311 -5.38 7.50 -4.32
CA PHE A 311 -3.98 7.70 -4.71
C PHE A 311 -3.26 6.38 -4.89
N TRP A 312 -3.56 5.41 -4.01
CA TRP A 312 -2.95 4.10 -4.10
C TRP A 312 -3.44 3.36 -5.34
N SER A 313 -4.69 3.62 -5.72
CA SER A 313 -5.28 3.04 -6.92
C SER A 313 -4.51 3.41 -8.18
N LEU A 314 -3.96 4.62 -8.20
CA LEU A 314 -3.24 5.10 -9.38
C LEU A 314 -1.76 4.74 -9.31
N PHE A 315 -1.22 4.74 -8.09
CA PHE A 315 0.21 4.55 -7.90
C PHE A 315 0.62 3.08 -8.00
N ASP A 316 -0.28 2.18 -7.61
CA ASP A 316 0.00 0.75 -7.65
C ASP A 316 -0.22 0.16 -9.05
N GLN A 317 -0.97 0.88 -9.87
CA GLN A 317 -1.28 0.43 -11.22
C GLN A 317 -0.15 0.67 -12.21
N LYS A 318 0.93 1.30 -11.75
CA LYS A 318 2.07 1.53 -12.63
C LYS A 318 2.83 0.23 -12.89
N ALA A 319 2.66 -0.74 -12.00
CA ALA A 319 3.33 -2.03 -12.14
C ALA A 319 2.41 -3.06 -12.78
N SER A 320 1.23 -2.61 -13.20
CA SER A 320 0.29 -3.50 -13.87
C SER A 320 -0.29 -2.86 -15.13
N THR A 321 -1.18 -1.88 -14.95
CA THR A 321 -1.81 -1.18 -16.05
C THR A 321 -0.81 -0.46 -16.96
N TRP A 322 0.15 0.24 -16.37
CA TRP A 322 1.10 1.03 -17.13
C TRP A 322 2.02 0.17 -17.99
N ILE A 323 2.33 -1.03 -17.50
CA ILE A 323 3.18 -1.95 -18.24
C ILE A 323 2.48 -2.42 -19.49
N LEU A 324 1.20 -2.76 -19.34
CA LEU A 324 0.36 -3.18 -20.45
C LEU A 324 0.35 -2.16 -21.58
N GLN A 325 0.30 -0.88 -21.21
CA GLN A 325 0.30 0.18 -22.21
C GLN A 325 1.65 0.29 -22.90
N ALA A 326 2.72 0.08 -22.14
CA ALA A 326 4.07 0.18 -22.68
C ALA A 326 4.38 -0.93 -23.68
N ASN A 327 3.61 -2.01 -23.59
CA ASN A 327 3.74 -3.14 -24.51
C ASN A 327 3.40 -2.77 -25.95
N ASP A 328 2.54 -1.77 -26.10
CA ASP A 328 2.06 -1.36 -27.41
C ASP A 328 2.65 -0.02 -27.82
N MET A 329 3.86 0.26 -27.34
CA MET A 329 4.54 1.51 -27.67
C MET A 329 5.87 1.19 -28.36
N VAL A 330 6.54 2.23 -28.84
CA VAL A 330 7.78 2.03 -29.59
C VAL A 330 8.98 2.02 -28.66
N LYS A 331 9.53 0.82 -28.45
CA LYS A 331 10.68 0.66 -27.57
C LYS A 331 11.87 0.09 -28.33
N PRO A 332 13.10 0.39 -27.84
CA PRO A 332 14.33 -0.16 -28.44
C PRO A 332 14.40 -1.68 -28.41
N GLN A 333 15.49 -2.21 -28.97
CA GLN A 333 15.72 -3.65 -29.00
C GLN A 333 16.04 -4.20 -27.62
N TRP A 334 17.00 -3.57 -26.96
CA TRP A 334 17.48 -4.04 -25.65
C TRP A 334 16.47 -3.79 -24.55
N PHE A 335 15.56 -2.85 -24.78
CA PHE A 335 14.69 -2.35 -23.72
C PHE A 335 13.45 -3.20 -23.51
N GLU A 336 13.13 -3.43 -22.23
CA GLU A 336 11.91 -4.12 -21.82
C GLU A 336 10.98 -3.14 -21.11
N PRO A 337 9.67 -3.22 -21.40
CA PRO A 337 8.68 -2.29 -20.85
C PRO A 337 8.69 -2.22 -19.32
N ALA A 338 9.06 -3.31 -18.67
CA ALA A 338 9.06 -3.38 -17.21
C ALA A 338 10.14 -2.51 -16.59
N MET A 339 11.12 -2.11 -17.38
CA MET A 339 12.24 -1.31 -16.88
C MET A 339 11.83 0.14 -16.58
N MET A 340 10.63 0.51 -17.01
CA MET A 340 10.14 1.87 -16.79
C MET A 340 9.84 2.10 -15.31
N GLN A 341 9.68 1.01 -14.57
CA GLN A 341 9.41 1.08 -13.14
C GLN A 341 10.62 1.61 -12.36
N ALA A 342 11.79 1.55 -12.97
CA ALA A 342 13.01 2.04 -12.34
C ALA A 342 13.01 3.56 -12.27
N LEU A 343 12.15 4.19 -13.05
CA LEU A 343 12.04 5.64 -13.07
C LEU A 343 11.59 6.21 -11.73
N ASN A 344 10.68 5.50 -11.07
CA ASN A 344 10.11 5.98 -9.81
C ASN A 344 11.11 6.09 -8.64
N PRO A 345 11.91 5.04 -8.37
CA PRO A 345 12.89 5.23 -7.29
C PRO A 345 13.93 6.29 -7.63
N LEU A 346 14.26 6.44 -8.92
CA LEU A 346 15.20 7.47 -9.35
C LEU A 346 14.61 8.85 -9.13
N LEU A 347 13.33 9.01 -9.45
CA LEU A 347 12.67 10.31 -9.30
C LEU A 347 12.41 10.63 -7.84
N VAL A 348 12.16 9.60 -7.04
CA VAL A 348 11.97 9.80 -5.60
C VAL A 348 13.25 10.36 -5.00
N MET A 349 14.38 9.76 -5.35
CA MET A 349 15.66 10.21 -4.80
C MET A 349 16.13 11.55 -5.36
N LEU A 350 15.40 12.07 -6.35
CA LEU A 350 15.73 13.38 -6.92
C LEU A 350 14.80 14.47 -6.43
N LEU A 351 13.50 14.17 -6.39
CA LEU A 351 12.51 15.16 -6.02
C LEU A 351 12.49 15.39 -4.50
N ILE A 352 12.76 14.35 -3.73
CA ILE A 352 12.70 14.49 -2.27
C ILE A 352 13.79 15.42 -1.72
N PRO A 353 15.02 15.40 -2.29
CA PRO A 353 15.92 16.46 -1.81
C PRO A 353 15.62 17.81 -2.47
N PHE A 354 15.12 17.77 -3.71
CA PHE A 354 14.79 18.99 -4.44
C PHE A 354 13.70 19.80 -3.75
N ASN A 355 12.57 19.17 -3.50
CA ASN A 355 11.41 19.84 -2.90
C ASN A 355 11.74 20.46 -1.56
N ASN A 356 12.25 19.65 -0.64
CA ASN A 356 12.52 20.10 0.73
C ASN A 356 13.53 21.25 0.80
N PHE A 357 14.46 21.29 -0.13
CA PHE A 357 15.54 22.28 -0.08
C PHE A 357 15.32 23.44 -1.05
N VAL A 358 15.00 23.10 -2.30
CA VAL A 358 14.89 24.11 -3.36
C VAL A 358 13.45 24.61 -3.56
N LEU A 359 12.52 23.68 -3.76
CA LEU A 359 11.15 24.03 -4.15
C LEU A 359 10.27 24.56 -3.02
N TYR A 360 10.20 23.86 -1.90
CA TYR A 360 9.30 24.26 -0.82
C TYR A 360 9.66 25.64 -0.24
N PRO A 361 10.96 25.90 0.03
CA PRO A 361 11.24 27.27 0.47
C PRO A 361 10.95 28.31 -0.61
N ALA A 362 11.02 27.91 -1.87
CA ALA A 362 10.72 28.81 -2.99
C ALA A 362 9.23 29.10 -3.09
N ILE A 363 8.40 28.14 -2.68
CA ILE A 363 6.96 28.32 -2.67
C ILE A 363 6.56 29.08 -1.40
N GLU A 364 7.31 28.83 -0.32
CA GLU A 364 7.11 29.55 0.93
C GLU A 364 7.57 31.01 0.83
N ARG A 365 8.52 31.27 -0.07
CA ARG A 365 9.02 32.63 -0.25
C ARG A 365 7.94 33.50 -0.88
N MET A 366 7.12 32.88 -1.72
CA MET A 366 5.94 33.54 -2.27
C MET A 366 5.00 33.97 -1.13
N GLY A 367 4.93 33.14 -0.08
CA GLY A 367 4.12 33.46 1.09
C GLY A 367 3.30 32.30 1.64
N VAL A 368 3.12 31.25 0.83
CA VAL A 368 2.26 30.12 1.20
C VAL A 368 2.77 29.38 2.45
N LYS A 369 1.83 28.86 3.24
CA LYS A 369 2.16 28.18 4.49
C LYS A 369 2.80 26.82 4.24
N LEU A 370 2.32 26.12 3.21
CA LEU A 370 2.72 24.74 2.92
C LEU A 370 2.52 23.83 4.13
N THR A 371 1.28 23.77 4.62
CA THR A 371 0.93 22.84 5.67
C THR A 371 0.98 21.43 5.12
N ALA A 372 1.31 20.47 5.98
CA ALA A 372 1.38 19.06 5.60
C ALA A 372 0.03 18.56 5.06
N LEU A 373 -1.03 19.24 5.47
CA LEU A 373 -2.37 18.90 5.05
C LEU A 373 -2.63 19.44 3.64
N ARG A 374 -1.98 20.56 3.31
CA ARG A 374 -2.14 21.20 2.01
C ARG A 374 -1.41 20.40 0.94
N LYS A 375 -0.27 19.83 1.32
CA LYS A 375 0.55 19.03 0.39
C LYS A 375 -0.13 17.72 0.04
N MET A 376 -0.80 17.10 1.00
CA MET A 376 -1.48 15.83 0.79
C MET A 376 -2.63 15.98 -0.21
N GLY A 377 -3.31 17.11 -0.16
CA GLY A 377 -4.41 17.36 -1.07
C GLY A 377 -3.93 17.63 -2.48
N ALA A 378 -2.82 18.36 -2.58
CA ALA A 378 -2.23 18.69 -3.86
C ALA A 378 -1.69 17.43 -4.55
N GLY A 379 -1.10 16.55 -3.77
CA GLY A 379 -0.53 15.32 -4.28
C GLY A 379 -1.53 14.38 -4.95
N ILE A 380 -2.75 14.34 -4.41
CA ILE A 380 -3.79 13.49 -4.98
C ILE A 380 -4.23 14.05 -6.32
N ALA A 381 -4.30 15.36 -6.42
CA ALA A 381 -4.69 16.04 -7.65
C ALA A 381 -3.65 15.82 -8.75
N ILE A 382 -2.38 16.03 -8.41
CA ILE A 382 -1.28 15.83 -9.35
C ILE A 382 -1.21 14.37 -9.80
N THR A 383 -1.52 13.45 -8.89
CA THR A 383 -1.56 12.03 -9.24
C THR A 383 -2.70 11.75 -10.21
N GLY A 384 -3.81 12.46 -10.03
CA GLY A 384 -4.94 12.35 -10.94
C GLY A 384 -4.60 13.00 -12.27
N LEU A 385 -3.82 14.06 -12.20
CA LEU A 385 -3.37 14.77 -13.39
C LEU A 385 -2.46 13.89 -14.23
N SER A 386 -1.63 13.09 -13.56
CA SER A 386 -0.70 12.19 -14.24
C SER A 386 -1.47 11.16 -15.06
N TRP A 387 -2.65 10.79 -14.57
CA TRP A 387 -3.47 9.79 -15.26
C TRP A 387 -4.34 10.42 -16.34
N ILE A 388 -4.41 11.75 -16.34
CA ILE A 388 -4.97 12.47 -17.47
C ILE A 388 -4.00 12.30 -18.65
N VAL A 389 -2.72 12.46 -18.37
CA VAL A 389 -1.67 12.29 -19.37
C VAL A 389 -1.61 10.84 -19.87
N VAL A 390 -1.70 9.89 -18.94
CA VAL A 390 -1.73 8.47 -19.28
C VAL A 390 -2.95 8.17 -20.14
N GLY A 391 -4.06 8.86 -19.86
CA GLY A 391 -5.29 8.66 -20.59
C GLY A 391 -5.25 9.18 -22.02
N THR A 392 -4.70 10.37 -22.20
CA THR A 392 -4.59 10.95 -23.54
C THR A 392 -3.68 10.12 -24.42
N ILE A 393 -2.59 9.62 -23.83
CA ILE A 393 -1.65 8.77 -24.55
C ILE A 393 -2.34 7.55 -25.13
N GLN A 394 -3.21 6.92 -24.34
CA GLN A 394 -3.99 5.78 -24.79
C GLN A 394 -4.91 6.17 -25.94
N LEU A 395 -5.53 7.34 -25.83
CA LEU A 395 -6.36 7.90 -26.89
C LEU A 395 -5.52 8.20 -28.12
N MET A 396 -4.41 8.89 -27.89
CA MET A 396 -3.52 9.32 -28.96
C MET A 396 -2.88 8.13 -29.67
N MET A 397 -2.67 7.04 -28.95
CA MET A 397 -2.03 5.88 -29.55
C MET A 397 -3.04 4.81 -29.95
N ASP A 398 -4.32 5.11 -29.81
CA ASP A 398 -5.36 4.24 -30.37
C ASP A 398 -5.27 4.33 -31.90
N GLY A 399 -4.83 5.48 -32.38
CA GLY A 399 -4.49 5.66 -33.79
C GLY A 399 -3.23 6.50 -33.88
N GLY A 400 -2.13 5.86 -34.26
CA GLY A 400 -0.83 6.54 -34.29
C GLY A 400 0.12 5.93 -33.28
N SER A 401 1.41 6.09 -33.49
CA SER A 401 2.39 5.41 -32.66
C SER A 401 3.33 6.38 -31.93
N ALA A 402 3.38 6.24 -30.61
CA ALA A 402 4.28 7.03 -29.78
C ALA A 402 5.26 6.12 -29.04
N LEU A 403 6.49 6.59 -28.88
CA LEU A 403 7.55 5.79 -28.29
C LEU A 403 7.35 5.70 -26.78
N SER A 404 7.87 4.65 -26.16
CA SER A 404 7.67 4.43 -24.74
C SER A 404 8.68 5.21 -23.90
N ILE A 405 9.96 5.01 -24.21
CA ILE A 405 11.05 5.46 -23.38
C ILE A 405 11.06 6.97 -23.09
N PHE A 406 10.68 7.78 -24.07
CA PHE A 406 10.60 9.22 -23.85
C PHE A 406 9.30 9.60 -23.13
N TRP A 407 8.22 8.92 -23.49
CA TRP A 407 6.88 9.40 -23.19
C TRP A 407 6.33 9.09 -21.80
N GLN A 408 6.64 7.91 -21.27
CA GLN A 408 6.15 7.56 -19.94
C GLN A 408 7.02 8.20 -18.86
N ILE A 409 7.99 8.99 -19.28
CA ILE A 409 8.79 9.76 -18.33
C ILE A 409 7.94 10.88 -17.74
N LEU A 410 7.04 11.44 -18.54
CA LEU A 410 6.16 12.51 -18.07
C LEU A 410 5.15 12.05 -17.00
N PRO A 411 4.37 10.97 -17.25
CA PRO A 411 3.47 10.50 -16.19
C PRO A 411 4.21 10.04 -14.94
N TYR A 412 5.40 9.48 -15.11
CA TYR A 412 6.21 9.04 -13.97
C TYR A 412 6.68 10.24 -13.17
N ALA A 413 6.99 11.32 -13.87
CA ALA A 413 7.43 12.55 -13.22
C ALA A 413 6.31 13.17 -12.39
N LEU A 414 5.10 13.12 -12.91
CA LEU A 414 3.94 13.67 -12.20
C LEU A 414 3.47 12.73 -11.09
N LEU A 415 3.50 11.43 -11.36
CA LEU A 415 3.08 10.44 -10.38
C LEU A 415 3.98 10.47 -9.15
N THR A 416 5.28 10.42 -9.39
CA THR A 416 6.26 10.42 -8.32
C THR A 416 6.20 11.71 -7.53
N PHE A 417 5.97 12.82 -8.22
CA PHE A 417 5.84 14.12 -7.57
C PHE A 417 4.63 14.15 -6.65
N GLY A 418 3.59 13.40 -7.03
CA GLY A 418 2.40 13.30 -6.20
C GLY A 418 2.62 12.34 -5.05
N GLU A 419 3.55 11.41 -5.24
CA GLU A 419 3.86 10.43 -4.21
C GLU A 419 4.61 11.08 -3.06
N VAL A 420 5.54 11.98 -3.39
CA VAL A 420 6.30 12.70 -2.37
C VAL A 420 5.39 13.58 -1.53
N LEU A 421 4.40 14.19 -2.19
CA LEU A 421 3.45 15.06 -1.51
C LEU A 421 2.51 14.30 -0.58
N VAL A 422 2.15 13.08 -0.95
CA VAL A 422 1.17 12.30 -0.21
C VAL A 422 1.78 11.20 0.66
N SER A 423 2.58 10.35 0.04
CA SER A 423 3.09 9.16 0.70
C SER A 423 4.17 9.48 1.73
N ALA A 424 4.88 10.59 1.52
CA ALA A 424 5.98 10.96 2.40
C ALA A 424 5.53 11.94 3.49
N THR A 425 4.22 12.14 3.59
CA THR A 425 3.67 13.17 4.46
C THR A 425 2.63 12.61 5.41
N GLY A 426 1.86 11.64 4.92
CA GLY A 426 0.69 11.12 5.60
C GLY A 426 0.87 10.60 7.01
N LEU A 427 1.68 9.56 7.17
CA LEU A 427 1.80 8.88 8.45
C LEU A 427 2.48 9.74 9.51
N GLU A 428 3.51 10.48 9.13
CA GLU A 428 4.23 11.34 10.05
C GLU A 428 3.37 12.47 10.58
N PHE A 429 2.44 12.93 9.75
CA PHE A 429 1.52 13.99 10.13
C PHE A 429 0.45 13.47 11.09
N ALA A 430 -0.06 12.28 10.81
CA ALA A 430 -1.10 11.67 11.62
C ALA A 430 -0.60 11.34 13.02
N TYR A 431 0.68 11.04 13.13
CA TYR A 431 1.30 10.76 14.41
C TYR A 431 1.20 11.96 15.35
N SER A 432 1.41 13.15 14.79
CA SER A 432 1.36 14.37 15.56
C SER A 432 -0.07 14.77 15.93
N GLN A 433 -1.04 14.19 15.23
CA GLN A 433 -2.43 14.59 15.41
C GLN A 433 -3.14 13.85 16.55
N ALA A 434 -2.62 12.68 16.88
CA ALA A 434 -3.25 11.83 17.89
C ALA A 434 -2.25 11.48 18.97
N PRO A 435 -2.75 11.21 20.19
CA PRO A 435 -1.95 10.74 21.32
C PRO A 435 -0.97 9.61 20.95
N LYS A 436 0.19 9.61 21.59
CA LYS A 436 1.25 8.65 21.32
C LYS A 436 0.78 7.19 21.38
N ALA A 437 -0.19 6.91 22.24
CA ALA A 437 -0.70 5.56 22.42
C ALA A 437 -1.37 5.04 21.16
N MET A 438 -1.83 5.96 20.32
CA MET A 438 -2.56 5.59 19.11
C MET A 438 -1.63 5.36 17.91
N LYS A 439 -0.32 5.43 18.14
CA LYS A 439 0.66 5.30 17.06
C LYS A 439 0.52 3.97 16.31
N GLY A 440 0.27 2.91 17.06
CA GLY A 440 0.11 1.60 16.45
C GLY A 440 -1.21 1.46 15.72
N THR A 441 -2.23 2.17 16.21
CA THR A 441 -3.55 2.12 15.60
C THR A 441 -3.56 2.91 14.30
N ILE A 442 -2.84 4.01 14.29
CA ILE A 442 -2.72 4.86 13.11
C ILE A 442 -2.00 4.12 12.00
N MET A 443 -0.89 3.47 12.37
CA MET A 443 -0.09 2.69 11.43
C MET A 443 -0.89 1.54 10.82
N SER A 444 -1.81 0.98 11.60
CA SER A 444 -2.59 -0.16 11.15
C SER A 444 -3.63 0.24 10.11
N PHE A 445 -4.16 1.44 10.21
CA PHE A 445 -5.14 1.92 9.25
C PHE A 445 -4.47 2.51 8.02
N TRP A 446 -3.21 2.90 8.15
CA TRP A 446 -2.45 3.43 7.03
C TRP A 446 -2.13 2.34 6.02
N THR A 447 -1.85 1.14 6.51
CA THR A 447 -1.55 0.01 5.63
C THR A 447 -2.83 -0.55 5.01
N LEU A 448 -3.95 -0.39 5.71
CA LEU A 448 -5.23 -0.82 5.18
C LEU A 448 -5.71 0.16 4.13
N SER A 449 -5.14 1.35 4.18
CA SER A 449 -5.43 2.39 3.19
C SER A 449 -4.94 1.95 1.81
N VAL A 450 -3.78 1.31 1.78
CA VAL A 450 -3.22 0.81 0.52
C VAL A 450 -4.05 -0.38 0.03
N THR A 451 -4.44 -1.24 0.97
CA THR A 451 -5.26 -2.40 0.66
C THR A 451 -6.57 -1.99 0.02
N VAL A 452 -7.24 -1.00 0.62
CA VAL A 452 -8.53 -0.54 0.13
C VAL A 452 -8.38 0.12 -1.25
N GLY A 453 -7.27 0.82 -1.46
CA GLY A 453 -6.98 1.44 -2.73
C GLY A 453 -6.91 0.43 -3.87
N ASN A 454 -6.25 -0.70 -3.61
CA ASN A 454 -6.16 -1.77 -4.60
C ASN A 454 -7.46 -2.53 -4.74
N LEU A 455 -8.34 -2.39 -3.75
CA LEU A 455 -9.66 -2.99 -3.82
C LEU A 455 -10.49 -2.27 -4.89
N TRP A 456 -10.23 -0.98 -5.07
CA TRP A 456 -10.94 -0.21 -6.09
C TRP A 456 -10.55 -0.70 -7.48
N VAL A 457 -9.26 -0.95 -7.67
CA VAL A 457 -8.77 -1.51 -8.93
C VAL A 457 -9.47 -2.82 -9.24
N LEU A 458 -9.64 -3.64 -8.21
CA LEU A 458 -10.35 -4.91 -8.35
C LEU A 458 -11.80 -4.70 -8.72
N LEU A 459 -12.46 -3.77 -8.02
CA LEU A 459 -13.89 -3.56 -8.20
C LEU A 459 -14.20 -2.77 -9.47
N ALA A 460 -13.19 -2.08 -9.99
CA ALA A 460 -13.35 -1.31 -11.21
C ALA A 460 -13.62 -2.24 -12.39
N ASN A 461 -12.72 -3.20 -12.60
CA ASN A 461 -12.88 -4.11 -13.72
C ASN A 461 -13.81 -5.28 -13.42
N VAL A 462 -14.52 -5.20 -12.29
CA VAL A 462 -15.62 -6.10 -12.01
C VAL A 462 -16.92 -5.45 -12.47
N SER A 463 -17.03 -4.14 -12.20
CA SER A 463 -18.21 -3.39 -12.58
C SER A 463 -18.26 -3.17 -14.09
N VAL A 464 -17.08 -3.17 -14.70
CA VAL A 464 -16.94 -2.87 -16.12
C VAL A 464 -17.43 -4.04 -16.99
N LYS A 465 -17.56 -5.21 -16.40
CA LYS A 465 -18.03 -6.38 -17.14
C LYS A 465 -19.56 -6.50 -17.12
N SER A 466 -20.21 -5.64 -16.35
CA SER A 466 -21.68 -5.64 -16.29
C SER A 466 -22.25 -4.97 -17.55
N PRO A 467 -23.40 -5.47 -18.03
CA PRO A 467 -24.03 -5.00 -19.26
C PRO A 467 -24.31 -3.50 -19.31
N THR A 468 -24.82 -2.95 -18.21
CA THR A 468 -25.18 -1.53 -18.17
C THR A 468 -23.98 -0.60 -18.39
N VAL A 469 -22.83 -0.98 -17.86
CA VAL A 469 -21.63 -0.15 -17.92
C VAL A 469 -20.98 -0.16 -19.32
N THR A 470 -21.03 -1.30 -19.98
CA THR A 470 -20.46 -1.44 -21.32
C THR A 470 -21.10 -0.47 -22.31
N GLU A 471 -22.41 -0.28 -22.21
CA GLU A 471 -23.13 0.61 -23.13
C GLU A 471 -22.75 2.07 -22.88
N GLN A 472 -22.47 2.41 -21.62
CA GLN A 472 -21.95 3.73 -21.30
C GLN A 472 -20.60 3.91 -22.02
N ILE A 473 -19.82 2.85 -22.06
CA ILE A 473 -18.55 2.88 -22.77
C ILE A 473 -18.79 2.97 -24.28
N VAL A 474 -19.76 2.21 -24.75
CA VAL A 474 -20.18 2.23 -26.16
C VAL A 474 -20.59 3.62 -26.61
N GLN A 475 -21.38 4.30 -25.78
CA GLN A 475 -21.86 5.65 -26.08
C GLN A 475 -20.72 6.66 -26.16
N THR A 476 -19.70 6.52 -25.31
CA THR A 476 -18.55 7.43 -25.34
C THR A 476 -17.74 7.25 -26.63
N GLY A 477 -17.81 6.06 -27.21
CA GLY A 477 -17.01 5.74 -28.38
C GLY A 477 -15.54 5.76 -28.03
N MET A 478 -15.23 5.29 -26.82
CA MET A 478 -13.87 5.28 -26.33
C MET A 478 -13.41 3.87 -26.03
N SER A 479 -12.12 3.61 -26.20
CA SER A 479 -11.57 2.31 -25.86
C SER A 479 -11.66 2.08 -24.36
N VAL A 480 -12.22 0.93 -23.99
CA VAL A 480 -12.44 0.56 -22.58
C VAL A 480 -11.17 0.77 -21.75
N THR A 481 -10.03 0.43 -22.34
CA THR A 481 -8.73 0.65 -21.72
C THR A 481 -8.52 2.12 -21.34
N ALA A 482 -8.83 3.02 -22.26
CA ALA A 482 -8.66 4.45 -22.02
C ALA A 482 -9.72 5.00 -21.07
N PHE A 483 -10.94 4.47 -21.19
CA PHE A 483 -12.06 4.92 -20.37
C PHE A 483 -11.79 4.74 -18.88
N GLN A 484 -11.23 3.58 -18.52
CA GLN A 484 -10.92 3.29 -17.13
C GLN A 484 -9.90 4.28 -16.57
N MET A 485 -8.92 4.65 -17.39
CA MET A 485 -7.86 5.56 -16.96
C MET A 485 -8.41 6.93 -16.58
N PHE A 486 -9.34 7.43 -17.39
CA PHE A 486 -9.93 8.74 -17.14
C PHE A 486 -10.86 8.69 -15.94
N PHE A 487 -11.56 7.57 -15.78
CA PHE A 487 -12.35 7.31 -14.59
C PHE A 487 -11.48 7.46 -13.34
N PHE A 488 -10.32 6.80 -13.39
CA PHE A 488 -9.38 6.80 -12.27
C PHE A 488 -8.75 8.17 -12.08
N ALA A 489 -8.56 8.91 -13.16
CA ALA A 489 -8.04 10.27 -13.09
C ALA A 489 -9.03 11.15 -12.36
N GLY A 490 -10.31 11.03 -12.72
CA GLY A 490 -11.36 11.81 -12.09
C GLY A 490 -11.64 11.33 -10.68
N PHE A 491 -11.37 10.05 -10.46
CA PHE A 491 -11.53 9.44 -9.14
C PHE A 491 -10.61 10.11 -8.12
N ALA A 492 -9.41 10.48 -8.56
CA ALA A 492 -8.44 11.12 -7.69
C ALA A 492 -8.76 12.61 -7.53
N ILE A 493 -9.17 13.26 -8.61
CA ILE A 493 -9.49 14.69 -8.57
C ILE A 493 -10.67 14.96 -7.65
N LEU A 494 -11.72 14.15 -7.79
CA LEU A 494 -12.90 14.27 -6.95
C LEU A 494 -12.54 14.11 -5.47
N ALA A 495 -11.77 13.08 -5.16
CA ALA A 495 -11.36 12.82 -3.79
C ALA A 495 -10.47 13.94 -3.25
N ALA A 496 -9.68 14.55 -4.14
CA ALA A 496 -8.81 15.65 -3.75
C ALA A 496 -9.63 16.89 -3.41
N ILE A 497 -10.78 17.02 -4.07
CA ILE A 497 -11.69 18.12 -3.80
C ILE A 497 -12.32 17.94 -2.42
N VAL A 498 -12.92 16.77 -2.21
CA VAL A 498 -13.55 16.42 -0.94
C VAL A 498 -12.53 16.47 0.20
N PHE A 499 -11.29 16.14 -0.11
CA PHE A 499 -10.20 16.20 0.87
C PHE A 499 -10.00 17.62 1.38
N ALA A 500 -9.94 18.57 0.45
CA ALA A 500 -9.75 19.98 0.81
C ALA A 500 -10.98 20.51 1.56
N LEU A 501 -12.14 19.95 1.24
CA LEU A 501 -13.38 20.33 1.91
C LEU A 501 -13.41 19.86 3.37
N TYR A 502 -12.83 18.69 3.61
CA TYR A 502 -12.81 18.13 4.96
C TYR A 502 -11.64 18.69 5.76
N ALA A 503 -10.57 19.05 5.08
CA ALA A 503 -9.37 19.54 5.73
C ALA A 503 -9.57 20.90 6.40
N ARG A 504 -10.53 21.68 5.91
CA ARG A 504 -10.80 23.00 6.49
C ARG A 504 -11.61 22.84 7.79
N SER A 505 -12.41 21.78 7.86
CA SER A 505 -13.17 21.45 9.04
C SER A 505 -12.31 20.75 10.08
N TYR A 506 -11.30 20.02 9.60
CA TYR A 506 -10.41 19.26 10.46
C TYR A 506 -9.54 20.16 11.33
N GLN A 507 -9.12 21.30 10.78
CA GLN A 507 -8.22 22.22 11.47
C GLN A 507 -8.96 23.15 12.42
N MET A 508 -10.28 23.02 12.45
CA MET A 508 -11.11 23.77 13.37
C MET A 508 -11.35 22.98 14.67
N GLN A 509 -10.69 21.82 14.79
CA GLN A 509 -11.07 20.87 15.82
C GLN A 509 -10.14 20.82 17.02
N ASP A 510 -9.09 20.00 16.93
CA ASP A 510 -8.29 19.65 18.10
C ASP A 510 -7.62 20.85 18.77
N HIS A 511 -7.03 21.73 17.98
CA HIS A 511 -6.30 22.89 18.51
C HIS A 511 -6.22 24.03 17.50
N TYR A 512 -5.40 25.04 17.84
CA TYR A 512 -5.25 26.22 17.01
C TYR A 512 -4.32 25.97 15.83
O21 78M B . -8.25 -16.01 -11.15
C20 78M B . -8.40 -14.69 -11.54
C18 78M B . -9.14 -13.78 -10.62
O19 78M B . -9.59 -12.68 -11.32
C17 78M B . -8.27 -13.33 -9.50
O2 78M B . -7.17 -14.13 -9.19
C1 78M B . -6.71 -14.19 -7.90
O1 78M B . -7.37 -13.70 -6.99
C2 78M B . -5.40 -14.86 -7.58
C3 78M B . -4.48 -14.14 -6.63
C4 78M B . -3.69 -14.97 -5.66
C5 78M B . -2.77 -14.27 -4.72
C6 78M B . -3.35 -13.86 -3.39
C7 78M B . -2.37 -13.53 -2.27
C8 78M B . -2.82 -12.99 -1.09
C9 78M B . -4.29 -12.70 -0.87
C10 78M B . -4.71 -12.43 0.54
C11 78M B . -6.15 -12.09 0.76
C12 78M B . -6.51 -11.14 1.86
C13 78M B . -7.95 -10.75 1.95
C15 78M B . -8.72 -8.84 3.45
C14 78M B . -8.49 -10.30 3.26
O22 78N C . 9.11 -20.85 20.11
C19 78N C . 8.30 -20.80 18.99
C18 78N C . 8.13 -19.47 18.33
O20 78N C . 9.36 -18.98 17.99
C17 78N C . 7.30 -19.60 17.08
O16 78N C . 6.95 -18.42 16.43
C8 78N C . 6.24 -18.49 15.25
O15 78N C . 5.94 -19.59 14.79
C7 78N C . 5.84 -17.24 14.52
C6 78N C . 5.37 -17.40 13.10
C5 78N C . 3.91 -17.72 12.87
C4 78N C . 3.50 -18.21 11.51
C3 78N C . 2.11 -17.91 11.04
C2 78N C . 1.47 -18.86 10.06
C1 78N C . 0.16 -18.67 9.65
C9 78N C . -0.62 -17.50 10.20
C10 78N C . -2.11 -17.66 10.40
C11 78N C . -2.61 -18.09 11.74
C12 78N C . -1.92 -17.56 12.97
C13 78N C . -1.94 -18.41 14.19
C15 78N C . -0.86 -18.47 16.51
C14 78N C . -0.70 -18.47 15.02
O22 78N D . -2.74 -2.00 17.38
C19 78N D . -3.56 -1.82 16.29
C18 78N D . -5.03 -1.92 16.49
O20 78N D . -5.42 -1.04 17.47
C17 78N D . -5.75 -1.56 15.22
O16 78N D . -7.00 -2.12 14.98
C8 78N D . -7.52 -2.10 13.70
O15 78N D . -6.79 -1.77 12.76
C7 78N D . -8.95 -2.47 13.43
C6 78N D . -9.24 -3.66 12.55
C5 78N D . -9.76 -3.39 11.16
C4 78N D . -10.40 -4.53 10.41
C3 78N D . -11.88 -4.76 10.62
C2 78N D . -12.28 -5.87 11.57
C1 78N D . -13.17 -5.66 12.62
C9 78N D . -13.78 -4.30 12.85
C10 78N D . -13.35 -3.55 14.10
C11 78N D . -13.88 -2.16 14.29
C12 78N D . -13.26 -1.08 13.47
C13 78N D . -13.64 0.33 13.76
C15 78N D . -12.57 1.35 11.67
C14 78N D . -12.79 1.40 13.14
O22 78N E . -16.09 13.62 12.94
C19 78N E . -15.43 12.72 12.11
C18 78N E . -15.21 11.35 12.65
O20 78N E . -15.85 11.26 13.87
C17 78N E . -15.78 10.31 11.74
O16 78N E . -15.00 9.20 11.46
C8 78N E . -15.55 8.08 10.89
O15 78N E . -16.76 8.05 10.67
C7 78N E . -14.67 6.91 10.52
C6 78N E . -15.05 6.06 9.32
C5 78N E . -14.42 6.39 7.99
C4 78N E . -13.72 5.29 7.25
C3 78N E . -14.56 4.38 6.39
C2 78N E . -15.60 5.03 5.50
C1 78N E . -15.74 4.66 4.17
C9 78N E . -14.85 3.59 3.57
C10 78N E . -14.38 3.81 2.17
C11 78N E . -15.26 4.64 1.27
C12 78N E . -16.47 3.98 0.69
C13 78N E . -17.48 4.85 0.02
C15 78N E . -19.59 6.29 0.27
C14 78N E . -18.37 5.68 0.89
O22 78N F . 29.18 0.42 10.60
C19 78N F . 27.98 1.04 10.88
C18 78N F . 26.73 0.29 10.61
O20 78N F . 25.77 0.71 11.51
C17 78N F . 26.21 0.53 9.23
O16 78N F . 25.69 -0.54 8.52
C8 78N F . 26.50 -1.28 7.68
O15 78N F . 27.66 -0.94 7.49
C7 78N F . 25.94 -2.49 6.97
C6 78N F . 25.99 -2.54 5.46
C5 78N F . 25.55 -3.82 4.78
C4 78N F . 24.96 -3.71 3.41
C3 78N F . 24.47 -4.97 2.76
C2 78N F . 25.41 -6.16 2.73
C1 78N F . 25.14 -7.25 1.92
C9 78N F . 23.91 -7.28 1.06
C10 78N F . 23.77 -8.43 0.10
C11 78N F . 25.02 -9.09 -0.36
C12 78N F . 25.04 -10.59 -0.34
C13 78N F . 24.38 -11.31 -1.47
C15 78N F . 24.23 -13.42 -2.91
C14 78N F . 24.81 -12.72 -1.73
#